data_1B4E
#
_entry.id   1B4E
#
_cell.length_a   126.700
_cell.length_b   126.700
_cell.length_c   141.600
_cell.angle_alpha   90.00
_cell.angle_beta   90.00
_cell.angle_gamma   90.00
#
_symmetry.space_group_name_H-M   'I 4 2 2'
#
loop_
_entity.id
_entity.type
_entity.pdbx_description
1 polymer 'PROTEIN (5-AMINOLEVULINIC ACID DEHYDRATASE)'
2 non-polymer 'SULFATE ION'
3 non-polymer 'ZINC ION'
4 non-polymer 'LAEVULINIC ACID'
5 non-polymer GLYCEROL
6 water water
#
_entity_poly.entity_id   1
_entity_poly.type   'polypeptide(L)'
_entity_poly.pdbx_seq_one_letter_code
;TDLSQRPRRLRKSPALRAMFEETTLSLNDLVLPIFVEEEIDDYKAVEAMPGVMRIPEKHLAREIERIANAGIRSVMTFGI
SHHTDETGSDAWREDGLVARMSRICKQTVPEMIVMSDTCFCEYTSHGHCGVLKEHGVDNDATLENLGKQAVVAAAAGADF
IAPSAAMDGQVQAIRQALDAAGFKDTAIMSYSTKFASSFYGPFREAAGSALKGDRKSYQMNPMNRREAIRESLLDEAQGA
DCLMVKPAGAYLDIVRELRERTELPIGAYQVSGEYAMIKFAALAGAIDEEKVVLESLGSIKRAGADLIFSYFALDLAEKK
ILR
;
_entity_poly.pdbx_strand_id   A
#
loop_
_chem_comp.id
_chem_comp.type
_chem_comp.name
_chem_comp.formula
GOL non-polymer GLYCEROL 'C3 H8 O3'
SHF non-polymer 'LAEVULINIC ACID' 'C5 H8 O3'
SO4 non-polymer 'SULFATE ION' 'O4 S -2'
ZN non-polymer 'ZINC ION' 'Zn 2'
#
# COMPACT_ATOMS: atom_id res chain seq x y z
N THR A 1 32.47 17.02 34.93
CA THR A 1 31.23 17.54 35.53
C THR A 1 30.58 16.45 36.37
N ASP A 2 29.64 16.77 37.27
CA ASP A 2 28.99 15.71 38.04
C ASP A 2 27.64 15.37 37.40
N LEU A 3 27.73 14.38 36.54
CA LEU A 3 26.59 13.85 35.79
C LEU A 3 26.52 12.34 36.04
N SER A 4 25.54 11.90 36.81
CA SER A 4 25.45 10.45 37.05
C SER A 4 24.86 9.80 35.80
N GLN A 5 23.91 10.49 35.16
CA GLN A 5 23.30 9.97 33.95
C GLN A 5 23.97 10.53 32.70
N ARG A 6 24.50 9.62 31.89
CA ARG A 6 25.21 9.83 30.66
C ARG A 6 24.73 8.90 29.57
N PRO A 7 23.72 9.37 28.82
CA PRO A 7 23.23 8.48 27.77
C PRO A 7 24.28 8.19 26.72
N ARG A 8 25.25 9.08 26.59
CA ARG A 8 26.27 8.87 25.57
C ARG A 8 27.06 7.60 25.86
N ARG A 9 26.98 7.02 27.06
CA ARG A 9 27.79 5.81 27.28
C ARG A 9 27.40 4.68 26.37
N LEU A 10 26.16 4.60 25.91
CA LEU A 10 25.82 3.44 25.10
C LEU A 10 25.87 3.77 23.61
N ARG A 11 26.45 4.89 23.24
CA ARG A 11 26.58 5.33 21.86
C ARG A 11 28.05 5.35 21.41
N LYS A 12 28.95 4.96 22.28
CA LYS A 12 30.38 4.93 22.13
C LYS A 12 30.89 4.26 20.90
N SER A 13 30.33 3.12 20.55
CA SER A 13 30.79 2.42 19.36
C SER A 13 29.57 1.77 18.65
N PRO A 14 29.88 1.32 17.45
CA PRO A 14 28.90 0.63 16.63
C PRO A 14 28.34 -0.61 17.30
N ALA A 15 29.20 -1.32 18.03
CA ALA A 15 28.73 -2.54 18.69
C ALA A 15 27.68 -2.21 19.76
N LEU A 16 27.98 -1.18 20.53
CA LEU A 16 27.10 -0.76 21.61
C LEU A 16 25.80 -0.21 21.00
N ARG A 17 25.96 0.52 19.89
CA ARG A 17 24.68 1.07 19.36
C ARG A 17 23.81 -0.05 18.83
N ALA A 18 24.43 -1.09 18.31
CA ALA A 18 23.71 -2.26 17.78
C ALA A 18 23.09 -3.03 18.94
N MET A 19 23.81 -3.15 20.06
CA MET A 19 23.20 -3.89 21.17
C MET A 19 21.97 -3.19 21.71
N PHE A 20 22.03 -1.87 21.73
CA PHE A 20 20.97 -1.06 22.25
C PHE A 20 19.96 -0.57 21.29
N GLU A 21 20.13 -0.75 19.99
CA GLU A 21 19.17 -0.36 18.95
C GLU A 21 17.81 -0.93 19.29
N GLU A 22 16.82 -0.07 19.43
CA GLU A 22 15.51 -0.52 19.87
C GLU A 22 14.61 -1.04 18.77
N THR A 23 14.90 -0.75 17.53
CA THR A 23 14.01 -1.12 16.42
C THR A 23 14.77 -1.90 15.35
N THR A 24 14.06 -2.87 14.76
CA THR A 24 14.69 -3.66 13.70
C THR A 24 13.88 -3.48 12.40
N LEU A 25 14.56 -3.76 11.32
CA LEU A 25 13.92 -3.65 10.00
C LEU A 25 14.35 -4.85 9.16
N SER A 26 13.42 -5.55 8.53
CA SER A 26 13.86 -6.66 7.72
C SER A 26 12.88 -6.85 6.56
N LEU A 27 13.20 -7.85 5.74
CA LEU A 27 12.30 -8.08 4.57
C LEU A 27 10.97 -8.58 5.06
N ASN A 28 10.93 -9.05 6.29
CA ASN A 28 9.62 -9.52 6.76
C ASN A 28 8.72 -8.32 7.03
N ASP A 29 9.26 -7.11 6.99
CA ASP A 29 8.36 -5.98 7.26
C ASP A 29 7.86 -5.32 5.99
N LEU A 30 8.39 -5.73 4.85
CA LEU A 30 8.03 -5.04 3.63
C LEU A 30 7.05 -5.70 2.73
N VAL A 31 6.24 -4.85 2.11
CA VAL A 31 5.30 -5.33 1.07
C VAL A 31 5.64 -4.57 -0.22
N LEU A 32 5.90 -5.25 -1.33
CA LEU A 32 6.22 -4.51 -2.54
C LEU A 32 5.02 -4.06 -3.34
N PRO A 33 4.74 -2.74 -3.42
CA PRO A 33 3.61 -2.46 -4.33
C PRO A 33 4.08 -2.73 -5.78
N ILE A 34 3.25 -3.30 -6.64
CA ILE A 34 3.69 -3.50 -8.03
C ILE A 34 2.64 -2.92 -8.99
N PHE A 35 3.18 -2.32 -10.05
CA PHE A 35 2.30 -1.74 -11.05
C PHE A 35 2.32 -2.62 -12.30
N VAL A 36 1.12 -3.07 -12.65
CA VAL A 36 1.03 -3.91 -13.85
C VAL A 36 0.15 -3.28 -14.89
N GLU A 37 0.68 -3.09 -16.12
CA GLU A 37 -0.19 -2.50 -17.14
C GLU A 37 -0.60 -3.60 -18.11
N GLU A 38 -1.89 -3.71 -18.41
CA GLU A 38 -2.29 -4.76 -19.36
C GLU A 38 -2.06 -4.24 -20.78
N GLU A 39 -2.01 -5.23 -21.68
CA GLU A 39 -1.90 -4.91 -23.09
C GLU A 39 -0.77 -4.00 -23.45
N ILE A 40 0.41 -4.33 -22.94
CA ILE A 40 1.59 -3.54 -23.33
C ILE A 40 2.78 -4.49 -23.47
N ASP A 41 3.73 -4.07 -24.29
CA ASP A 41 4.87 -4.98 -24.49
C ASP A 41 6.05 -4.54 -23.63
N ASP A 42 6.27 -3.22 -23.60
CA ASP A 42 7.46 -2.85 -22.84
C ASP A 42 7.22 -2.21 -21.52
N TYR A 43 8.18 -2.40 -20.61
CA TYR A 43 8.10 -1.79 -19.28
C TYR A 43 8.01 -0.27 -19.45
N LYS A 44 7.18 0.35 -18.63
CA LYS A 44 7.10 1.82 -18.83
C LYS A 44 7.74 2.49 -17.61
N ALA A 45 8.56 3.50 -17.82
CA ALA A 45 9.18 4.13 -16.66
C ALA A 45 8.28 5.19 -16.05
N VAL A 46 8.15 5.14 -14.72
CA VAL A 46 7.31 6.21 -14.13
C VAL A 46 8.25 7.36 -13.78
N GLU A 47 8.25 8.36 -14.64
CA GLU A 47 9.12 9.49 -14.48
C GLU A 47 9.10 10.10 -13.10
N ALA A 48 7.94 10.22 -12.49
CA ALA A 48 7.91 10.83 -11.17
C ALA A 48 8.36 9.92 -10.07
N MET A 49 8.75 8.69 -10.43
CA MET A 49 9.23 7.70 -9.49
C MET A 49 10.42 6.94 -10.04
N PRO A 50 11.52 7.71 -10.09
CA PRO A 50 12.77 7.20 -10.61
C PRO A 50 13.08 5.78 -10.17
N GLY A 51 13.23 4.92 -11.15
CA GLY A 51 13.54 3.54 -10.87
C GLY A 51 12.31 2.66 -10.88
N VAL A 52 11.15 3.29 -10.86
CA VAL A 52 9.91 2.49 -10.83
C VAL A 52 9.38 2.31 -12.25
N MET A 53 8.99 1.09 -12.58
CA MET A 53 8.48 0.74 -13.89
C MET A 53 7.05 0.20 -13.82
N ARG A 54 6.30 0.40 -14.89
CA ARG A 54 5.00 -0.27 -15.00
C ARG A 54 5.36 -1.66 -15.67
N ILE A 55 4.96 -2.74 -15.05
CA ILE A 55 5.26 -4.06 -15.57
C ILE A 55 4.22 -4.46 -16.63
N PRO A 56 4.65 -4.83 -17.83
CA PRO A 56 3.59 -5.27 -18.79
C PRO A 56 3.03 -6.59 -18.23
N GLU A 57 1.72 -6.77 -18.29
CA GLU A 57 1.12 -7.98 -17.76
C GLU A 57 1.78 -9.24 -18.28
N LYS A 58 2.29 -9.14 -19.51
CA LYS A 58 2.95 -10.29 -20.09
C LYS A 58 4.28 -10.58 -19.43
N HIS A 59 4.88 -9.64 -18.71
CA HIS A 59 6.16 -9.94 -18.05
C HIS A 59 5.96 -10.19 -16.57
N LEU A 60 4.68 -10.09 -16.18
CA LEU A 60 4.34 -10.29 -14.81
C LEU A 60 4.79 -11.55 -14.18
N ALA A 61 4.63 -12.71 -14.81
CA ALA A 61 5.07 -13.92 -14.09
C ALA A 61 6.57 -13.91 -13.90
N ARG A 62 7.25 -13.22 -14.83
CA ARG A 62 8.70 -13.14 -14.69
C ARG A 62 9.08 -12.22 -13.53
N GLU A 63 8.44 -11.06 -13.47
CA GLU A 63 8.74 -10.10 -12.39
C GLU A 63 8.41 -10.69 -11.03
N ILE A 64 7.22 -11.26 -10.88
CA ILE A 64 6.84 -11.80 -9.59
C ILE A 64 7.82 -12.84 -9.09
N GLU A 65 8.33 -13.56 -10.08
CA GLU A 65 9.30 -14.63 -9.72
C GLU A 65 10.60 -13.97 -9.30
N ARG A 66 10.86 -12.85 -9.98
CA ARG A 66 12.10 -12.12 -9.62
C ARG A 66 11.95 -11.58 -8.20
N ILE A 67 10.80 -10.97 -7.98
CA ILE A 67 10.43 -10.41 -6.68
C ILE A 67 10.51 -11.47 -5.60
N ALA A 68 9.96 -12.65 -5.87
CA ALA A 68 9.98 -13.73 -4.92
C ALA A 68 11.41 -14.20 -4.60
N ASN A 69 12.22 -14.20 -5.63
CA ASN A 69 13.58 -14.69 -5.55
C ASN A 69 14.46 -13.82 -4.67
N ALA A 70 14.17 -12.53 -4.68
CA ALA A 70 14.88 -11.54 -3.89
C ALA A 70 14.54 -11.71 -2.40
N GLY A 71 13.53 -12.52 -2.11
CA GLY A 71 13.16 -12.67 -0.71
C GLY A 71 11.96 -11.80 -0.38
N ILE A 72 11.34 -11.15 -1.37
CA ILE A 72 10.19 -10.30 -1.01
C ILE A 72 9.01 -11.15 -0.60
N ARG A 73 8.35 -10.91 0.54
CA ARG A 73 7.31 -11.81 0.99
C ARG A 73 5.94 -11.56 0.37
N SER A 74 5.71 -10.31 -0.01
CA SER A 74 4.37 -10.02 -0.50
C SER A 74 4.32 -8.80 -1.38
N VAL A 75 3.26 -8.73 -2.17
CA VAL A 75 3.14 -7.56 -3.04
C VAL A 75 1.68 -7.06 -2.94
N MET A 76 1.55 -5.81 -3.30
CA MET A 76 0.28 -5.08 -3.37
C MET A 76 0.11 -4.81 -4.92
N THR A 77 -0.90 -5.37 -5.56
CA THR A 77 -0.96 -5.15 -7.01
C THR A 77 -1.80 -3.94 -7.36
N PHE A 78 -1.28 -3.22 -8.33
CA PHE A 78 -1.93 -2.02 -8.86
C PHE A 78 -1.98 -2.16 -10.39
N GLY A 79 -3.17 -2.00 -10.93
CA GLY A 79 -3.27 -2.13 -12.38
C GLY A 79 -3.41 -0.85 -13.16
N ILE A 80 -2.86 -0.88 -14.38
CA ILE A 80 -3.06 0.20 -15.34
C ILE A 80 -3.93 -0.39 -16.46
N SER A 81 -5.17 0.07 -16.42
CA SER A 81 -6.28 -0.32 -17.21
C SER A 81 -6.34 0.21 -18.62
N HIS A 82 -6.77 -0.64 -19.56
CA HIS A 82 -7.01 -0.26 -20.95
C HIS A 82 -8.50 -0.53 -21.28
N HIS A 83 -9.27 -0.64 -20.20
CA HIS A 83 -10.69 -0.93 -20.19
C HIS A 83 -11.43 -0.18 -19.12
N THR A 84 -11.23 1.14 -19.07
CA THR A 84 -11.95 1.89 -18.05
C THR A 84 -13.37 2.22 -18.52
N ASP A 85 -14.22 2.56 -17.58
CA ASP A 85 -15.60 2.93 -17.82
C ASP A 85 -16.17 3.77 -16.70
N GLU A 86 -17.39 4.26 -16.75
CA GLU A 86 -17.88 5.10 -15.71
C GLU A 86 -17.82 4.52 -14.33
N THR A 87 -17.84 3.20 -14.21
CA THR A 87 -17.80 2.60 -12.90
C THR A 87 -16.60 1.74 -12.63
N GLY A 88 -15.63 1.61 -13.53
CA GLY A 88 -14.49 0.75 -13.26
C GLY A 88 -14.90 -0.70 -13.15
N SER A 89 -15.90 -1.06 -13.96
CA SER A 89 -16.40 -2.42 -13.92
C SER A 89 -15.42 -3.48 -14.25
N ASP A 90 -14.30 -3.15 -14.90
CA ASP A 90 -13.39 -4.27 -15.20
C ASP A 90 -12.84 -4.86 -13.89
N ALA A 91 -12.81 -3.99 -12.89
CA ALA A 91 -12.28 -4.38 -11.59
C ALA A 91 -13.00 -5.55 -11.00
N TRP A 92 -14.27 -5.74 -11.35
CA TRP A 92 -15.03 -6.86 -10.86
C TRP A 92 -15.28 -7.92 -11.91
N ARG A 93 -14.61 -7.85 -13.06
CA ARG A 93 -14.90 -8.93 -14.06
C ARG A 93 -14.04 -10.12 -13.68
N GLU A 94 -14.57 -11.32 -13.77
CA GLU A 94 -13.84 -12.51 -13.38
C GLU A 94 -12.44 -12.56 -13.93
N ASP A 95 -12.28 -11.92 -15.08
CA ASP A 95 -11.02 -11.90 -15.75
C ASP A 95 -10.49 -10.54 -16.06
N GLY A 96 -10.95 -9.56 -15.28
CA GLY A 96 -10.51 -8.18 -15.40
C GLY A 96 -9.05 -8.16 -14.97
N LEU A 97 -8.40 -7.01 -15.07
CA LEU A 97 -6.97 -6.92 -14.73
C LEU A 97 -6.72 -7.30 -13.29
N VAL A 98 -7.62 -6.83 -12.42
CA VAL A 98 -7.48 -7.12 -11.00
C VAL A 98 -7.32 -8.60 -10.73
N ALA A 99 -8.25 -9.39 -11.27
CA ALA A 99 -8.14 -10.83 -11.11
C ALA A 99 -6.88 -11.42 -11.69
N ARG A 100 -6.54 -11.04 -12.92
CA ARG A 100 -5.39 -11.58 -13.59
C ARG A 100 -4.08 -11.29 -12.89
N MET A 101 -3.97 -10.09 -12.32
CA MET A 101 -2.69 -9.78 -11.60
C MET A 101 -2.53 -10.77 -10.45
N SER A 102 -3.65 -10.90 -9.74
CA SER A 102 -3.66 -11.82 -8.62
C SER A 102 -3.39 -13.24 -9.05
N ARG A 103 -4.15 -13.68 -10.05
CA ARG A 103 -3.99 -15.05 -10.53
C ARG A 103 -2.59 -15.32 -11.03
N ILE A 104 -2.06 -14.36 -11.79
CA ILE A 104 -0.71 -14.60 -12.31
C ILE A 104 0.29 -14.67 -11.18
N CYS A 105 0.17 -13.71 -10.24
CA CYS A 105 1.11 -13.78 -9.14
C CYS A 105 1.02 -15.06 -8.35
N LYS A 106 -0.17 -15.45 -7.93
CA LYS A 106 -0.30 -16.67 -7.14
C LYS A 106 -0.02 -17.94 -7.87
N GLN A 107 -0.24 -18.01 -9.17
CA GLN A 107 0.04 -19.31 -9.82
C GLN A 107 1.56 -19.44 -10.03
N THR A 108 2.13 -18.29 -10.33
CA THR A 108 3.58 -18.31 -10.57
C THR A 108 4.31 -18.56 -9.26
N VAL A 109 3.91 -17.87 -8.21
CA VAL A 109 4.63 -18.10 -6.91
C VAL A 109 3.55 -18.25 -5.82
N PRO A 110 3.13 -19.49 -5.69
CA PRO A 110 2.10 -19.84 -4.75
C PRO A 110 2.35 -19.40 -3.33
N GLU A 111 3.60 -19.22 -2.89
CA GLU A 111 3.74 -18.84 -1.48
C GLU A 111 3.79 -17.34 -1.32
N MET A 112 3.71 -16.66 -2.45
CA MET A 112 3.72 -15.20 -2.46
C MET A 112 2.46 -14.65 -1.83
N ILE A 113 2.61 -13.73 -0.89
CA ILE A 113 1.41 -13.18 -0.25
C ILE A 113 0.89 -12.04 -1.10
N VAL A 114 -0.20 -12.34 -1.81
CA VAL A 114 -0.75 -11.35 -2.71
C VAL A 114 -1.79 -10.47 -2.11
N MET A 115 -1.54 -9.15 -2.15
CA MET A 115 -2.56 -8.22 -1.66
C MET A 115 -3.11 -7.49 -2.89
N SER A 116 -4.43 -7.46 -2.98
CA SER A 116 -4.95 -6.79 -4.17
C SER A 116 -5.41 -5.39 -3.88
N ASP A 117 -4.84 -4.33 -4.49
CA ASP A 117 -5.44 -3.01 -4.13
C ASP A 117 -6.87 -3.00 -4.70
N THR A 118 -7.77 -2.68 -3.80
CA THR A 118 -9.20 -2.71 -4.12
C THR A 118 -9.83 -1.37 -4.16
N CYS A 119 -9.94 -0.86 -5.39
CA CYS A 119 -10.50 0.47 -5.62
C CYS A 119 -10.95 0.60 -7.06
N PHE A 120 -11.28 1.81 -7.47
CA PHE A 120 -11.76 1.98 -8.85
C PHE A 120 -11.08 3.14 -9.55
N CYS A 121 -10.30 3.95 -8.83
CA CYS A 121 -9.64 5.10 -9.42
C CYS A 121 -8.83 4.76 -10.65
N GLU A 122 -8.27 3.55 -10.69
CA GLU A 122 -7.47 3.17 -11.85
C GLU A 122 -8.36 2.59 -12.96
N TYR A 123 -9.65 2.36 -12.76
CA TYR A 123 -10.52 1.77 -13.78
C TYR A 123 -11.67 2.67 -14.17
N THR A 124 -11.80 3.82 -13.53
CA THR A 124 -12.95 4.66 -13.90
C THR A 124 -12.52 5.72 -14.91
N SER A 125 -13.48 6.17 -15.70
CA SER A 125 -13.30 7.19 -16.73
C SER A 125 -12.92 8.53 -16.07
N HIS A 126 -13.61 8.81 -14.98
CA HIS A 126 -13.45 10.06 -14.26
C HIS A 126 -12.27 10.04 -13.29
N GLY A 127 -11.69 8.89 -13.02
CA GLY A 127 -10.57 8.72 -12.13
C GLY A 127 -10.82 8.70 -10.64
N HIS A 128 -12.06 8.82 -10.19
CA HIS A 128 -12.41 8.77 -8.77
C HIS A 128 -12.40 7.31 -8.28
N CYS A 129 -12.22 7.21 -6.98
CA CYS A 129 -12.16 5.97 -6.25
C CYS A 129 -13.50 5.28 -6.11
N GLY A 130 -14.39 5.52 -7.08
CA GLY A 130 -15.66 4.84 -6.97
C GLY A 130 -16.69 5.31 -7.99
N VAL A 131 -17.94 5.06 -7.64
CA VAL A 131 -19.08 5.44 -8.47
C VAL A 131 -19.43 6.92 -8.27
N LEU A 132 -19.37 7.60 -9.40
CA LEU A 132 -19.64 8.99 -9.52
C LEU A 132 -21.11 9.28 -9.82
N LYS A 133 -21.73 10.01 -8.92
CA LYS A 133 -23.12 10.43 -8.97
C LYS A 133 -23.22 11.96 -8.93
N GLU A 134 -24.38 12.58 -8.86
CA GLU A 134 -24.39 14.05 -8.84
C GLU A 134 -24.04 14.57 -7.46
N HIS A 135 -24.00 13.67 -6.48
CA HIS A 135 -23.70 14.10 -5.10
C HIS A 135 -22.19 14.00 -4.85
N GLY A 136 -21.55 13.34 -5.80
CA GLY A 136 -20.11 13.14 -5.78
C GLY A 136 -19.81 11.66 -5.91
N VAL A 137 -18.89 11.15 -5.09
CA VAL A 137 -18.58 9.70 -5.21
C VAL A 137 -19.46 8.91 -4.26
N ASP A 138 -20.55 8.36 -4.79
CA ASP A 138 -21.53 7.65 -3.99
C ASP A 138 -20.94 6.61 -3.09
N ASN A 139 -21.13 6.74 -1.78
CA ASN A 139 -20.53 5.73 -0.92
C ASN A 139 -21.03 4.33 -1.14
N ASP A 140 -22.32 4.12 -0.91
CA ASP A 140 -22.94 2.84 -1.03
C ASP A 140 -22.89 2.16 -2.35
N ALA A 141 -22.99 2.90 -3.47
CA ALA A 141 -22.88 2.18 -4.76
C ALA A 141 -21.46 1.62 -4.90
N THR A 142 -20.52 2.40 -4.37
CA THR A 142 -19.12 1.95 -4.41
C THR A 142 -18.91 0.73 -3.59
N LEU A 143 -19.50 0.71 -2.39
CA LEU A 143 -19.36 -0.47 -1.53
C LEU A 143 -19.78 -1.75 -2.25
N GLU A 144 -20.90 -1.67 -2.96
CA GLU A 144 -21.35 -2.89 -3.66
C GLU A 144 -20.31 -3.36 -4.66
N ASN A 145 -19.76 -2.37 -5.37
CA ASN A 145 -18.76 -2.74 -6.37
C ASN A 145 -17.50 -3.29 -5.74
N LEU A 146 -17.10 -2.67 -4.63
CA LEU A 146 -15.89 -3.15 -3.94
C LEU A 146 -16.05 -4.60 -3.56
N GLY A 147 -17.27 -4.86 -3.09
CA GLY A 147 -17.56 -6.22 -2.70
C GLY A 147 -17.46 -7.18 -3.88
N LYS A 148 -18.00 -6.72 -5.01
CA LYS A 148 -17.93 -7.62 -6.18
C LYS A 148 -16.48 -7.85 -6.58
N GLN A 149 -15.73 -6.76 -6.55
CA GLN A 149 -14.30 -6.86 -6.92
C GLN A 149 -13.56 -7.78 -5.99
N ALA A 150 -13.87 -7.64 -4.69
CA ALA A 150 -13.20 -8.46 -3.72
C ALA A 150 -13.39 -9.95 -4.01
N VAL A 151 -14.63 -10.31 -4.34
CA VAL A 151 -14.87 -11.74 -4.62
C VAL A 151 -14.09 -12.21 -5.82
N VAL A 152 -14.09 -11.40 -6.90
CA VAL A 152 -13.31 -11.91 -8.05
C VAL A 152 -11.83 -11.90 -7.75
N ALA A 153 -11.40 -10.90 -6.97
CA ALA A 153 -9.94 -10.90 -6.67
C ALA A 153 -9.60 -12.11 -5.82
N ALA A 154 -10.44 -12.36 -4.80
CA ALA A 154 -10.18 -13.50 -3.94
C ALA A 154 -10.25 -14.81 -4.71
N ALA A 155 -11.24 -14.87 -5.60
CA ALA A 155 -11.44 -16.08 -6.40
C ALA A 155 -10.19 -16.35 -7.24
N ALA A 156 -9.57 -15.25 -7.63
CA ALA A 156 -8.37 -15.28 -8.44
C ALA A 156 -7.13 -15.63 -7.67
N GLY A 157 -7.18 -15.63 -6.33
CA GLY A 157 -5.95 -15.98 -5.63
C GLY A 157 -5.46 -14.92 -4.66
N ALA A 158 -6.06 -13.74 -4.61
CA ALA A 158 -5.53 -12.73 -3.67
C ALA A 158 -5.61 -13.18 -2.24
N ASP A 159 -4.54 -12.96 -1.46
CA ASP A 159 -4.64 -13.39 -0.05
C ASP A 159 -5.31 -12.28 0.76
N PHE A 160 -5.05 -11.05 0.33
CA PHE A 160 -5.68 -9.94 1.05
C PHE A 160 -6.43 -9.05 0.03
N ILE A 161 -7.62 -8.69 0.49
CA ILE A 161 -8.32 -7.70 -0.37
C ILE A 161 -7.99 -6.35 0.33
N ALA A 162 -7.42 -5.35 -0.34
CA ALA A 162 -7.01 -4.10 0.32
C ALA A 162 -7.78 -2.91 -0.21
N PRO A 163 -8.90 -2.60 0.45
CA PRO A 163 -9.69 -1.48 -0.02
C PRO A 163 -9.02 -0.15 0.20
N SER A 164 -8.75 0.60 -0.87
CA SER A 164 -8.06 1.90 -0.73
C SER A 164 -8.93 3.03 -1.23
N ALA A 165 -10.23 2.77 -1.39
CA ALA A 165 -11.15 3.78 -1.88
C ALA A 165 -11.62 4.75 -0.84
N ALA A 166 -11.24 4.57 0.42
CA ALA A 166 -11.72 5.44 1.47
C ALA A 166 -13.23 5.51 1.54
N MET A 167 -13.91 4.39 1.37
CA MET A 167 -15.37 4.52 1.53
C MET A 167 -15.75 4.02 2.92
N ASP A 168 -16.79 4.65 3.44
CA ASP A 168 -17.35 4.26 4.73
C ASP A 168 -17.95 2.86 4.66
N GLY A 169 -17.71 2.00 5.64
CA GLY A 169 -18.25 0.64 5.63
C GLY A 169 -17.65 -0.30 4.62
N GLN A 170 -16.57 0.14 3.99
CA GLN A 170 -15.93 -0.73 3.00
C GLN A 170 -15.42 -2.01 3.58
N VAL A 171 -14.92 -2.01 4.81
CA VAL A 171 -14.43 -3.32 5.28
C VAL A 171 -15.62 -4.26 5.50
N GLN A 172 -16.66 -3.68 6.09
CA GLN A 172 -17.86 -4.51 6.38
C GLN A 172 -18.44 -5.04 5.08
N ALA A 173 -18.60 -4.13 4.12
CA ALA A 173 -19.15 -4.55 2.83
C ALA A 173 -18.34 -5.65 2.19
N ILE A 174 -17.03 -5.48 2.15
CA ILE A 174 -16.17 -6.49 1.52
C ILE A 174 -16.14 -7.77 2.31
N ARG A 175 -16.15 -7.70 3.65
CA ARG A 175 -16.17 -8.94 4.43
C ARG A 175 -17.44 -9.74 4.16
N GLN A 176 -18.60 -9.08 4.13
CA GLN A 176 -19.85 -9.80 3.87
C GLN A 176 -19.83 -10.49 2.52
N ALA A 177 -19.33 -9.74 1.54
CA ALA A 177 -19.25 -10.29 0.19
C ALA A 177 -18.33 -11.46 0.09
N LEU A 178 -17.17 -11.37 0.74
CA LEU A 178 -16.25 -12.52 0.68
C LEU A 178 -16.86 -13.72 1.39
N ASP A 179 -17.40 -13.48 2.58
CA ASP A 179 -18.01 -14.58 3.35
C ASP A 179 -19.13 -15.26 2.59
N ALA A 180 -20.04 -14.45 2.06
CA ALA A 180 -21.19 -14.96 1.29
C ALA A 180 -20.70 -15.71 0.06
N ALA A 181 -19.66 -15.18 -0.57
CA ALA A 181 -19.11 -15.84 -1.73
C ALA A 181 -18.29 -17.05 -1.36
N GLY A 182 -18.20 -17.35 -0.07
CA GLY A 182 -17.41 -18.52 0.31
C GLY A 182 -15.93 -18.26 0.48
N PHE A 183 -15.52 -17.01 0.63
CA PHE A 183 -14.08 -16.77 0.83
C PHE A 183 -13.84 -16.25 2.25
N LYS A 184 -14.33 -17.03 3.20
CA LYS A 184 -14.21 -16.65 4.61
C LYS A 184 -12.76 -16.54 5.03
N ASP A 185 -11.85 -17.28 4.40
CA ASP A 185 -10.45 -17.27 4.70
C ASP A 185 -9.69 -16.11 4.08
N THR A 186 -10.30 -15.38 3.17
CA THR A 186 -9.63 -14.26 2.52
C THR A 186 -9.57 -13.08 3.48
N ALA A 187 -8.35 -12.55 3.64
CA ALA A 187 -8.16 -11.46 4.56
C ALA A 187 -8.42 -10.11 3.91
N ILE A 188 -8.49 -9.18 4.84
CA ILE A 188 -8.70 -7.79 4.50
C ILE A 188 -7.61 -6.90 5.10
N MET A 189 -6.82 -6.32 4.22
CA MET A 189 -5.75 -5.38 4.59
C MET A 189 -6.33 -3.98 4.34
N SER A 190 -7.03 -3.49 5.37
CA SER A 190 -7.66 -2.21 5.13
C SER A 190 -6.75 -1.04 5.06
N TYR A 191 -7.11 -0.16 4.12
CA TYR A 191 -6.33 1.11 4.14
C TYR A 191 -7.21 2.01 5.08
N SER A 192 -7.28 1.54 6.32
CA SER A 192 -8.09 2.10 7.34
C SER A 192 -8.02 3.57 7.53
N THR A 193 -6.81 4.11 7.64
CA THR A 193 -6.60 5.55 7.80
C THR A 193 -5.84 6.03 6.57
N LYS A 194 -6.60 6.62 5.65
CA LYS A 194 -5.98 7.09 4.40
C LYS A 194 -6.32 8.56 4.24
N PHE A 195 -5.28 9.38 4.25
CA PHE A 195 -5.53 10.81 4.18
C PHE A 195 -5.55 11.31 2.74
N ALA A 196 -6.19 12.46 2.67
CA ALA A 196 -6.28 13.17 1.37
C ALA A 196 -4.96 13.95 1.28
N SER A 197 -3.93 13.12 1.05
CA SER A 197 -2.60 13.65 1.01
C SER A 197 -2.11 14.14 -0.32
N SER A 198 -1.21 15.13 -0.24
CA SER A 198 -0.55 15.72 -1.37
C SER A 198 0.69 14.93 -1.73
N PHE A 199 0.92 13.86 -0.99
CA PHE A 199 2.08 13.00 -1.24
C PHE A 199 1.75 11.91 -2.26
N TYR A 200 0.60 11.97 -2.91
CA TYR A 200 0.26 10.92 -3.87
C TYR A 200 0.53 11.40 -5.31
N GLY A 201 1.12 12.57 -5.53
CA GLY A 201 1.33 12.99 -6.91
C GLY A 201 1.83 11.89 -7.81
N PRO A 202 3.09 11.46 -7.59
CA PRO A 202 3.64 10.45 -8.43
C PRO A 202 2.76 9.28 -8.77
N PHE A 203 1.97 8.79 -7.85
CA PHE A 203 1.11 7.64 -8.01
C PHE A 203 0.19 7.74 -9.22
N ARG A 204 -0.41 8.91 -9.37
CA ARG A 204 -1.33 9.20 -10.46
C ARG A 204 -0.68 8.93 -11.80
N GLU A 205 0.60 9.31 -11.88
CA GLU A 205 1.29 9.03 -13.13
C GLU A 205 1.66 7.55 -13.20
N ALA A 206 1.91 6.94 -12.04
CA ALA A 206 2.29 5.54 -12.09
C ALA A 206 1.11 4.62 -12.43
N ALA A 207 0.01 4.73 -11.71
CA ALA A 207 -1.17 3.92 -11.82
C ALA A 207 -2.18 4.40 -12.84
N GLY A 208 -1.98 5.58 -13.40
CA GLY A 208 -2.95 5.98 -14.40
C GLY A 208 -4.29 6.53 -13.99
N SER A 209 -4.47 6.94 -12.75
CA SER A 209 -5.80 7.45 -12.43
C SER A 209 -6.08 8.75 -13.16
N ALA A 210 -7.23 8.79 -13.83
CA ALA A 210 -7.68 9.90 -14.62
C ALA A 210 -8.27 11.04 -13.84
N LEU A 211 -8.25 11.08 -12.51
CA LEU A 211 -8.88 12.10 -11.74
C LEU A 211 -8.41 13.52 -11.93
N LYS A 212 -9.38 14.37 -12.27
CA LYS A 212 -9.21 15.81 -12.42
C LYS A 212 -10.07 16.48 -11.31
N GLY A 213 -9.45 16.68 -10.16
CA GLY A 213 -10.19 17.24 -9.04
C GLY A 213 -9.55 16.62 -7.81
N ASP A 214 -10.29 16.43 -6.72
CA ASP A 214 -9.61 15.87 -5.55
C ASP A 214 -10.46 14.81 -4.89
N ARG A 215 -9.85 14.22 -3.85
CA ARG A 215 -10.59 13.15 -3.18
C ARG A 215 -10.93 13.49 -1.76
N LYS A 216 -10.98 14.79 -1.50
CA LYS A 216 -11.24 15.27 -0.17
C LYS A 216 -12.57 14.92 0.41
N SER A 217 -13.49 14.44 -0.42
CA SER A 217 -14.80 14.09 0.12
C SER A 217 -14.81 12.67 0.66
N TYR A 218 -13.72 11.95 0.43
CA TYR A 218 -13.65 10.58 0.93
C TYR A 218 -12.37 10.34 1.70
N GLN A 219 -11.25 10.78 1.13
CA GLN A 219 -9.98 10.63 1.88
C GLN A 219 -10.02 11.70 2.98
N MET A 220 -9.60 11.33 4.17
CA MET A 220 -9.69 12.24 5.29
C MET A 220 -8.58 13.26 5.36
N ASN A 221 -8.94 14.32 6.07
CA ASN A 221 -8.10 15.46 6.31
C ASN A 221 -6.80 15.08 7.03
N PRO A 222 -5.68 15.39 6.40
CA PRO A 222 -4.34 15.16 6.95
C PRO A 222 -4.17 15.70 8.35
N MET A 223 -4.91 16.73 8.74
CA MET A 223 -4.78 17.35 10.02
C MET A 223 -5.54 16.70 11.13
N ASN A 224 -6.43 15.78 10.78
CA ASN A 224 -7.28 15.17 11.76
C ASN A 224 -6.82 14.00 12.50
N ARG A 225 -6.06 14.17 13.59
CA ARG A 225 -5.57 13.04 14.31
C ARG A 225 -6.63 12.26 15.04
N ARG A 226 -7.63 12.94 15.62
CA ARG A 226 -8.61 12.06 16.34
C ARG A 226 -9.41 11.25 15.36
N GLU A 227 -9.83 11.92 14.29
CA GLU A 227 -10.62 11.22 13.28
C GLU A 227 -9.83 10.06 12.68
N ALA A 228 -8.53 10.29 12.52
CA ALA A 228 -7.69 9.26 11.94
C ALA A 228 -7.68 8.00 12.79
N ILE A 229 -7.68 8.19 14.11
CA ILE A 229 -7.69 6.98 14.94
C ILE A 229 -9.06 6.32 14.86
N ARG A 230 -10.10 7.16 14.91
CA ARG A 230 -11.45 6.59 14.84
C ARG A 230 -11.68 5.85 13.55
N GLU A 231 -11.13 6.35 12.46
CA GLU A 231 -11.28 5.72 11.15
C GLU A 231 -10.79 4.29 11.16
N SER A 232 -9.64 4.12 11.81
CA SER A 232 -9.08 2.78 11.84
C SER A 232 -9.79 1.91 12.84
N LEU A 233 -10.26 2.52 13.94
CA LEU A 233 -10.93 1.65 14.91
C LEU A 233 -12.25 1.15 14.36
N LEU A 234 -12.91 1.99 13.55
CA LEU A 234 -14.18 1.51 12.98
C LEU A 234 -13.88 0.28 12.10
N ASP A 235 -12.71 0.33 11.46
CA ASP A 235 -12.31 -0.75 10.59
C ASP A 235 -12.04 -2.03 11.33
N GLU A 236 -11.52 -1.87 12.55
CA GLU A 236 -11.26 -3.06 13.37
C GLU A 236 -12.63 -3.67 13.79
N ALA A 237 -13.53 -2.76 14.11
CA ALA A 237 -14.89 -3.15 14.49
C ALA A 237 -15.58 -3.86 13.32
N GLN A 238 -15.29 -3.45 12.08
CA GLN A 238 -15.89 -4.13 10.94
C GLN A 238 -15.15 -5.39 10.56
N GLY A 239 -14.18 -5.82 11.36
CA GLY A 239 -13.44 -7.01 11.06
C GLY A 239 -12.17 -7.05 10.24
N ALA A 240 -11.57 -5.92 9.92
CA ALA A 240 -10.34 -5.93 9.12
C ALA A 240 -9.27 -6.80 9.73
N ASP A 241 -8.46 -7.46 8.90
CA ASP A 241 -7.45 -8.30 9.55
C ASP A 241 -6.22 -7.51 9.97
N CYS A 242 -6.00 -6.50 9.15
CA CYS A 242 -4.83 -5.61 9.40
C CYS A 242 -5.30 -4.20 9.13
N LEU A 243 -4.79 -3.21 9.84
CA LEU A 243 -5.21 -1.82 9.60
C LEU A 243 -4.07 -1.10 8.88
N MET A 244 -4.27 0.17 8.57
CA MET A 244 -3.11 0.77 7.87
C MET A 244 -3.23 2.30 7.97
N VAL A 245 -2.06 2.89 7.95
CA VAL A 245 -2.02 4.37 7.98
C VAL A 245 -1.35 4.77 6.65
N LYS A 246 -1.99 5.66 5.92
CA LYS A 246 -1.36 6.03 4.62
C LYS A 246 -1.73 7.50 4.37
N PRO A 247 -0.74 8.35 4.09
CA PRO A 247 0.67 8.00 4.00
C PRO A 247 1.25 7.64 5.37
N ALA A 248 2.50 7.19 5.42
CA ALA A 248 3.12 6.81 6.68
C ALA A 248 4.17 7.84 7.13
N GLY A 249 5.08 8.20 6.23
CA GLY A 249 6.14 9.12 6.54
C GLY A 249 5.81 10.35 7.34
N ALA A 250 4.79 11.12 6.97
CA ALA A 250 4.47 12.33 7.73
C ALA A 250 3.36 12.05 8.74
N TYR A 251 3.09 10.77 8.99
CA TYR A 251 2.01 10.40 9.90
C TYR A 251 2.44 9.41 10.94
N LEU A 252 3.70 9.47 11.37
CA LEU A 252 4.19 8.53 12.37
C LEU A 252 3.55 8.72 13.71
N ASP A 253 3.02 9.93 13.96
CA ASP A 253 2.35 10.06 15.26
C ASP A 253 1.03 9.26 15.22
N ILE A 254 0.45 9.21 14.02
CA ILE A 254 -0.84 8.49 13.93
C ILE A 254 -0.60 7.00 14.06
N VAL A 255 0.51 6.60 13.45
CA VAL A 255 0.89 5.19 13.53
C VAL A 255 1.10 4.81 15.00
N ARG A 256 1.84 5.64 15.73
CA ARG A 256 2.10 5.37 17.14
C ARG A 256 0.82 5.37 17.96
N GLU A 257 -0.04 6.38 17.79
CA GLU A 257 -1.25 6.38 18.60
C GLU A 257 -2.14 5.16 18.27
N LEU A 258 -2.24 4.84 16.98
CA LEU A 258 -3.06 3.66 16.62
C LEU A 258 -2.49 2.41 17.24
N ARG A 259 -1.15 2.28 17.22
CA ARG A 259 -0.49 1.11 17.81
C ARG A 259 -0.85 0.96 19.27
N GLU A 260 -1.10 2.08 19.94
CA GLU A 260 -1.43 1.95 21.35
C GLU A 260 -2.92 1.77 21.53
N ARG A 261 -3.69 1.84 20.45
CA ARG A 261 -5.13 1.71 20.56
C ARG A 261 -5.66 0.43 19.98
N THR A 262 -4.82 -0.44 19.43
CA THR A 262 -5.43 -1.70 18.91
C THR A 262 -4.39 -2.81 19.02
N GLU A 263 -4.82 -4.06 19.05
CA GLU A 263 -3.90 -5.20 19.07
C GLU A 263 -3.76 -5.73 17.62
N LEU A 264 -4.49 -5.13 16.68
CA LEU A 264 -4.44 -5.59 15.29
C LEU A 264 -3.15 -5.23 14.59
N PRO A 265 -2.84 -5.98 13.53
CA PRO A 265 -1.60 -5.56 12.89
C PRO A 265 -1.78 -4.22 12.23
N ILE A 266 -0.69 -3.50 12.04
CA ILE A 266 -0.80 -2.18 11.43
C ILE A 266 0.18 -2.04 10.28
N GLY A 267 -0.41 -1.68 9.13
CA GLY A 267 0.46 -1.52 7.97
C GLY A 267 0.63 -0.01 7.82
N ALA A 268 1.70 0.33 7.12
CA ALA A 268 1.98 1.76 6.93
C ALA A 268 2.50 1.94 5.51
N TYR A 269 1.90 2.89 4.81
CA TYR A 269 2.27 3.06 3.44
C TYR A 269 3.26 4.14 3.12
N GLN A 270 4.49 3.78 2.69
CA GLN A 270 5.43 4.87 2.30
C GLN A 270 5.10 5.22 0.84
N VAL A 271 4.18 6.19 0.73
CA VAL A 271 3.66 6.64 -0.52
C VAL A 271 4.63 7.07 -1.56
N SER A 272 4.12 7.19 -2.77
CA SER A 272 4.90 7.55 -3.92
C SER A 272 5.63 8.86 -3.77
N GLY A 273 4.96 9.80 -3.11
CA GLY A 273 5.55 11.11 -2.92
C GLY A 273 6.74 10.96 -2.00
N GLU A 274 6.65 10.09 -0.99
CA GLU A 274 7.79 9.91 -0.07
C GLU A 274 8.97 9.34 -0.84
N TYR A 275 8.62 8.32 -1.61
CA TYR A 275 9.63 7.65 -2.46
C TYR A 275 10.23 8.69 -3.43
N ALA A 276 9.40 9.56 -3.99
CA ALA A 276 9.93 10.54 -4.92
C ALA A 276 10.77 11.60 -4.23
N MET A 277 10.38 12.05 -3.05
CA MET A 277 11.16 13.06 -2.32
C MET A 277 12.57 12.55 -2.03
N ILE A 278 12.64 11.27 -1.72
CA ILE A 278 13.96 10.69 -1.43
C ILE A 278 14.78 10.54 -2.69
N LYS A 279 14.19 9.99 -3.75
CA LYS A 279 14.88 9.75 -5.01
C LYS A 279 15.41 11.04 -5.62
N PHE A 280 14.53 12.05 -5.67
CA PHE A 280 14.95 13.28 -6.28
C PHE A 280 16.01 14.01 -5.52
N ALA A 281 15.94 13.97 -4.20
CA ALA A 281 16.98 14.66 -3.38
C ALA A 281 18.27 13.87 -3.48
N ALA A 282 18.08 12.55 -3.52
CA ALA A 282 19.29 11.72 -3.64
C ALA A 282 19.92 11.96 -5.02
N LEU A 283 19.09 12.09 -6.03
CA LEU A 283 19.61 12.32 -7.39
C LEU A 283 20.35 13.63 -7.47
N ALA A 284 19.87 14.58 -6.66
CA ALA A 284 20.54 15.87 -6.67
C ALA A 284 21.78 15.85 -5.79
N GLY A 285 22.05 14.73 -5.15
CA GLY A 285 23.21 14.64 -4.28
C GLY A 285 23.01 15.29 -2.92
N ALA A 286 21.80 15.72 -2.62
CA ALA A 286 21.56 16.38 -1.34
C ALA A 286 21.53 15.41 -0.18
N ILE A 287 21.27 14.14 -0.46
CA ILE A 287 21.21 13.19 0.66
C ILE A 287 21.76 11.84 0.17
N ASP A 288 22.02 10.94 1.11
CA ASP A 288 22.47 9.59 0.71
C ASP A 288 21.19 8.72 0.64
N GLU A 289 20.87 8.23 -0.54
CA GLU A 289 19.67 7.45 -0.70
C GLU A 289 19.52 6.29 0.23
N GLU A 290 20.51 5.40 0.27
CA GLU A 290 20.39 4.25 1.11
C GLU A 290 20.20 4.56 2.57
N LYS A 291 20.89 5.56 3.08
CA LYS A 291 20.74 5.90 4.49
C LYS A 291 19.38 6.48 4.80
N VAL A 292 18.93 7.37 3.92
CA VAL A 292 17.64 8.00 4.10
C VAL A 292 16.50 6.99 4.02
N VAL A 293 16.64 6.02 3.14
CA VAL A 293 15.57 5.03 2.97
C VAL A 293 15.45 4.17 4.22
N LEU A 294 16.62 3.72 4.65
CA LEU A 294 16.61 2.86 5.83
C LEU A 294 16.15 3.63 7.06
N GLU A 295 16.55 4.90 7.13
CA GLU A 295 16.11 5.64 8.34
C GLU A 295 14.60 5.85 8.27
N SER A 296 14.16 6.16 7.07
CA SER A 296 12.73 6.42 6.78
C SER A 296 11.90 5.22 7.15
N LEU A 297 12.36 4.07 6.67
CA LEU A 297 11.68 2.80 6.94
C LEU A 297 11.78 2.40 8.38
N GLY A 298 12.98 2.59 8.95
CA GLY A 298 13.19 2.22 10.34
C GLY A 298 12.28 3.12 11.17
N SER A 299 12.13 4.39 10.77
CA SER A 299 11.27 5.27 11.55
C SER A 299 9.83 4.77 11.56
N ILE A 300 9.41 4.28 10.40
CA ILE A 300 8.03 3.76 10.31
C ILE A 300 7.92 2.54 11.21
N LYS A 301 8.96 1.71 11.29
CA LYS A 301 8.86 0.58 12.18
C LYS A 301 8.89 1.02 13.64
N ARG A 302 9.65 2.07 13.90
CA ARG A 302 9.78 2.58 15.28
C ARG A 302 8.44 3.04 15.79
N ALA A 303 7.71 3.71 14.90
CA ALA A 303 6.38 4.22 15.20
C ALA A 303 5.41 3.11 15.53
N GLY A 304 5.72 1.85 15.20
CA GLY A 304 4.80 0.80 15.55
C GLY A 304 4.20 0.00 14.41
N ALA A 305 4.63 0.23 13.17
CA ALA A 305 4.06 -0.47 12.04
C ALA A 305 4.52 -1.90 11.93
N ASP A 306 3.60 -2.82 11.68
CA ASP A 306 4.13 -4.20 11.53
C ASP A 306 4.60 -4.40 10.08
N LEU A 307 3.91 -3.73 9.16
CA LEU A 307 4.27 -3.86 7.75
C LEU A 307 4.36 -2.50 7.09
N ILE A 308 5.26 -2.46 6.12
CA ILE A 308 5.44 -1.22 5.40
C ILE A 308 5.31 -1.46 3.90
N PHE A 309 4.51 -0.59 3.28
CA PHE A 309 4.42 -0.77 1.80
C PHE A 309 5.47 0.23 1.25
N SER A 310 6.51 -0.30 0.62
CA SER A 310 7.54 0.59 0.10
C SER A 310 7.95 0.20 -1.31
N TYR A 311 8.11 1.22 -2.14
CA TYR A 311 8.53 0.99 -3.52
C TYR A 311 10.02 0.64 -3.56
N PHE A 312 10.76 0.80 -2.48
CA PHE A 312 12.18 0.50 -2.41
C PHE A 312 12.44 -0.98 -2.09
N ALA A 313 11.40 -1.67 -1.64
CA ALA A 313 11.51 -3.02 -1.19
C ALA A 313 12.33 -3.96 -2.00
N LEU A 314 12.10 -3.98 -3.32
CA LEU A 314 12.81 -4.95 -4.15
C LEU A 314 14.28 -4.62 -4.23
N ASP A 315 14.53 -3.32 -4.40
CA ASP A 315 15.93 -2.85 -4.47
C ASP A 315 16.66 -3.16 -3.18
N LEU A 316 16.03 -2.91 -2.03
CA LEU A 316 16.71 -3.24 -0.77
C LEU A 316 16.95 -4.74 -0.69
N ALA A 317 15.97 -5.49 -1.22
CA ALA A 317 16.14 -6.95 -1.14
C ALA A 317 17.28 -7.42 -2.03
N GLU A 318 17.23 -6.96 -3.27
CA GLU A 318 18.21 -7.39 -4.25
C GLU A 318 19.62 -6.98 -3.90
N LYS A 319 19.73 -5.76 -3.38
CA LYS A 319 21.06 -5.27 -3.03
C LYS A 319 21.52 -5.88 -1.71
N LYS A 320 20.67 -6.76 -1.17
CA LYS A 320 20.97 -7.41 0.09
C LYS A 320 21.07 -6.46 1.25
N ILE A 321 20.52 -5.26 1.13
CA ILE A 321 20.60 -4.31 2.27
C ILE A 321 19.73 -4.81 3.40
N LEU A 322 18.60 -5.43 3.04
CA LEU A 322 17.79 -6.02 4.14
C LEU A 322 17.63 -7.51 3.74
N ARG A 323 17.40 -8.34 4.70
CA ARG A 323 17.23 -9.77 4.45
C ARG A 323 16.02 -10.28 5.25
S SO4 B . 26.79 2.39 13.40
O1 SO4 B . 25.66 2.99 12.68
O2 SO4 B . 26.47 2.35 14.82
O3 SO4 B . 26.99 1.04 12.90
O4 SO4 B . 27.96 3.21 13.17
S SO4 C . -2.21 18.02 21.63
O1 SO4 C . -1.44 17.65 20.45
O2 SO4 C . -1.74 19.33 22.05
O3 SO4 C . -3.63 18.05 21.31
O4 SO4 C . -2.03 17.03 22.69
S SO4 D . 34.47 0.85 23.04
O1 SO4 D . 34.47 -0.57 22.77
O2 SO4 D . 34.74 1.57 21.81
O3 SO4 D . 33.17 1.17 23.58
O4 SO4 D . 35.49 1.18 24.00
ZN ZN E . -8.18 -5.09 -24.38
ZN ZN F . -8.65 4.67 -5.46
ZN ZN G . -13.07 4.31 6.93
C4 SHF H . -2.19 4.19 -2.46
C5 SHF H . -3.02 3.40 -3.46
C3 SHF H . -0.74 4.52 -2.83
C2 SHF H . -0.65 5.99 -3.00
C1 SHF H . 0.75 6.46 -3.38
O1 SHF H . 1.70 5.67 -3.33
OH1 SHF H . 0.84 7.65 -3.71
C1 GOL I . 8.71 10.84 4.16
O1 GOL I . 8.00 11.92 4.52
C2 GOL I . 10.06 10.50 4.66
O2 GOL I . 10.57 11.34 5.64
C3 GOL I . 11.05 10.47 3.51
O3 GOL I . 10.33 11.38 2.48
C1 GOL J . 17.39 0.95 10.16
O1 GOL J . 17.95 0.05 11.29
C2 GOL J . 18.44 1.94 9.87
O2 GOL J . 19.55 1.45 9.16
C3 GOL J . 18.10 3.34 9.57
O3 GOL J . 18.50 4.25 10.62
C1 GOL K . -16.67 -16.13 -8.33
O1 GOL K . -15.76 -15.26 -8.86
C2 GOL K . -16.27 -17.00 -7.17
O2 GOL K . -15.46 -18.16 -7.79
C3 GOL K . -17.49 -17.78 -6.65
O3 GOL K . -17.85 -17.45 -5.35
#